data_5ZYB
#
_entry.id   5ZYB
#
_cell.length_a   49.640
_cell.length_b   59.200
_cell.length_c   62.890
_cell.angle_alpha   90.00
_cell.angle_beta   102.03
_cell.angle_gamma   90.00
#
_symmetry.space_group_name_H-M   'P 1 21 1'
#
loop_
_entity.id
_entity.type
_entity.pdbx_description
1 polymer Beta-lactamase
2 non-polymer '1-{(2R)-2-(dihydroxyboranyl)-2-[(thiophen-2-ylacetyl)amino]ethyl}-1H-1,2,3-triazole-4-carboxylic acid'
3 non-polymer 'ACETATE ION'
4 non-polymer 'ZINC ION'
5 water water
#
_entity_poly.entity_id   1
_entity_poly.type   'polypeptide(L)'
_entity_poly.pdbx_seq_one_letter_code
;MGSSHHHHHHSSGLVPRGSHMGEASPVDPLRPVVDASIQPLLKEHRIPGMAVAVLKDGKAHYFNYGVANRESGASVSEQT
LFEIGSVSKTLTATLGAYAVVKGAMQLDDKASRHAPWLKGSVFDSITMGELATYSAGGLPLQFPEEVDSSEKMRAYYRQW
APVYSPGSHRQYSNPSIGLFGHLAASSLKQPFAQLMEQTLLPGLGMHHTYVNVPKQAMASYAYGYSKEDKPIRVNPGMLA
DEAYGIKTSSADLLAFVKANIGGVDDKALQQAISLTHKGHYSVGGMTQGLGWESYAYPVTEQTLLAGNSAKVILEANPTA
APRESGSQVLFNKTGSSNGFGAYVAFVPARGIGIVMLANRNYPIPARVKAAHAILAQLAG
;
_entity_poly.pdbx_strand_id   A
#
# COMPACT_ATOMS: atom_id res chain seq x y z
N ASP A 28 7.64 23.78 -15.71
CA ASP A 28 6.79 22.61 -16.00
C ASP A 28 5.35 23.11 -16.22
N PRO A 29 4.69 22.83 -17.37
CA PRO A 29 3.33 23.29 -17.59
C PRO A 29 2.26 22.45 -16.87
N LEU A 30 2.67 21.41 -16.14
CA LEU A 30 1.77 20.69 -15.25
C LEU A 30 1.78 21.33 -13.86
N ARG A 31 2.74 22.20 -13.57
CA ARG A 31 2.92 22.75 -12.21
C ARG A 31 1.65 23.47 -11.78
N PRO A 32 1.09 24.40 -12.61
CA PRO A 32 -0.15 25.09 -12.24
C PRO A 32 -1.28 24.15 -11.82
N VAL A 33 -1.47 23.08 -12.60
CA VAL A 33 -2.56 22.17 -12.38
C VAL A 33 -2.34 21.43 -11.04
N VAL A 34 -1.10 21.02 -10.77
CA VAL A 34 -0.83 20.25 -9.53
C VAL A 34 -0.96 21.18 -8.34
N ASP A 35 -0.34 22.37 -8.45
CA ASP A 35 -0.36 23.36 -7.39
C ASP A 35 -1.80 23.70 -7.02
N ALA A 36 -2.68 23.80 -8.03
CA ALA A 36 -4.07 24.22 -7.82
C ALA A 36 -4.82 23.19 -6.97
N SER A 37 -4.47 21.91 -7.14
CA SER A 37 -5.11 20.86 -6.36
C SER A 37 -4.40 20.65 -5.02
N ILE A 38 -3.08 20.85 -4.97
CA ILE A 38 -2.29 20.50 -3.78
C ILE A 38 -2.24 21.65 -2.77
N GLN A 39 -2.04 22.89 -3.24
CA GLN A 39 -1.83 24.03 -2.30
C GLN A 39 -3.01 24.13 -1.32
N PRO A 40 -4.29 24.07 -1.74
CA PRO A 40 -5.41 24.07 -0.80
C PRO A 40 -5.35 22.98 0.29
N LEU A 41 -4.82 21.79 -0.04
CA LEU A 41 -4.62 20.74 0.96
C LEU A 41 -3.61 21.19 2.03
N LEU A 42 -2.48 21.73 1.56
CA LEU A 42 -1.41 22.14 2.43
C LEU A 42 -1.92 23.16 3.45
N LYS A 43 -2.69 24.15 2.97
CA LYS A 43 -3.23 25.22 3.82
C LYS A 43 -4.31 24.68 4.75
N GLU A 44 -5.27 23.92 4.21
CA GLU A 44 -6.40 23.47 5.02
C GLU A 44 -5.96 22.56 6.17
N HIS A 45 -5.02 21.64 5.88
CA HIS A 45 -4.61 20.64 6.88
C HIS A 45 -3.22 20.98 7.47
N ARG A 46 -2.73 22.20 7.24
CA ARG A 46 -1.44 22.65 7.79
C ARG A 46 -0.38 21.55 7.60
N ILE A 47 -0.25 21.07 6.36
CA ILE A 47 0.59 19.93 6.04
C ILE A 47 2.02 20.46 6.02
N PRO A 48 2.94 20.00 6.90
CA PRO A 48 4.31 20.52 6.85
C PRO A 48 5.01 20.31 5.50
N GLY A 49 4.89 19.13 4.89
CA GLY A 49 5.57 18.88 3.62
C GLY A 49 4.81 17.87 2.80
N MET A 50 4.91 17.98 1.47
CA MET A 50 4.37 16.97 0.60
C MET A 50 5.25 16.85 -0.65
N ALA A 51 5.49 15.59 -1.04
CA ALA A 51 6.16 15.23 -2.29
C ALA A 51 5.11 14.63 -3.23
N VAL A 52 5.02 15.23 -4.41
CA VAL A 52 4.07 14.79 -5.39
C VAL A 52 4.89 14.43 -6.63
N ALA A 53 4.55 13.29 -7.22
CA ALA A 53 5.14 12.86 -8.44
C ALA A 53 4.01 12.42 -9.36
N VAL A 54 4.14 12.82 -10.62
CA VAL A 54 3.18 12.56 -11.68
C VAL A 54 3.91 11.90 -12.84
N LEU A 55 3.30 10.84 -13.38
CA LEU A 55 3.72 10.20 -14.61
C LEU A 55 2.75 10.53 -15.74
N LYS A 56 3.32 10.91 -16.88
CA LYS A 56 2.58 11.14 -18.11
C LYS A 56 3.54 10.98 -19.29
N ASP A 57 3.13 10.18 -20.27
CA ASP A 57 3.86 10.04 -21.52
C ASP A 57 5.31 9.65 -21.25
N GLY A 58 5.51 8.66 -20.36
CA GLY A 58 6.84 8.14 -20.07
C GLY A 58 7.67 9.05 -19.17
N LYS A 59 7.20 10.27 -18.85
CA LYS A 59 8.03 11.27 -18.18
C LYS A 59 7.56 11.49 -16.73
N ALA A 60 8.51 11.45 -15.80
CA ALA A 60 8.28 11.77 -14.38
C ALA A 60 8.36 13.28 -14.18
N HIS A 61 7.39 13.80 -13.42
CA HIS A 61 7.38 15.19 -12.94
C HIS A 61 7.25 15.20 -11.42
N TYR A 62 8.08 16.02 -10.79
CA TYR A 62 8.19 16.11 -9.35
C TYR A 62 7.78 17.51 -8.88
N PHE A 63 6.84 17.56 -7.94
CA PHE A 63 6.39 18.80 -7.34
C PHE A 63 6.45 18.61 -5.83
N ASN A 64 7.25 19.46 -5.19
CA ASN A 64 7.65 19.28 -3.79
C ASN A 64 7.24 20.53 -3.04
N TYR A 65 6.62 20.35 -1.88
CA TYR A 65 6.09 21.47 -1.11
C TYR A 65 6.61 21.35 0.34
N GLY A 66 7.04 22.47 0.93
CA GLY A 66 7.18 22.55 2.39
C GLY A 66 8.41 21.81 2.89
N VAL A 67 8.33 21.29 4.13
CA VAL A 67 9.50 20.76 4.82
C VAL A 67 9.26 19.31 5.27
N ALA A 68 10.34 18.52 5.25
CA ALA A 68 10.33 17.15 5.76
C ALA A 68 10.44 17.12 7.29
N ASN A 69 10.94 18.22 7.85
CA ASN A 69 11.38 18.25 9.23
C ASN A 69 11.29 19.69 9.69
N ARG A 70 10.36 19.96 10.62
CA ARG A 70 10.11 21.32 11.04
C ARG A 70 11.24 21.81 11.95
N GLU A 71 12.04 20.92 12.53
CA GLU A 71 13.18 21.35 13.36
C GLU A 71 14.30 21.85 12.44
N SER A 72 14.65 21.08 11.41
CA SER A 72 15.77 21.46 10.52
C SER A 72 15.31 22.45 9.44
N GLY A 73 14.00 22.47 9.15
CA GLY A 73 13.47 23.22 8.02
C GLY A 73 13.94 22.66 6.69
N ALA A 74 14.42 21.41 6.70
CA ALA A 74 14.90 20.75 5.48
C ALA A 74 13.74 20.61 4.48
N SER A 75 14.00 20.96 3.22
CA SER A 75 12.99 20.97 2.17
C SER A 75 12.63 19.54 1.77
N VAL A 76 11.37 19.32 1.42
CA VAL A 76 10.97 18.09 0.77
C VAL A 76 11.56 18.11 -0.65
N SER A 77 12.08 16.96 -1.09
CA SER A 77 12.36 16.68 -2.48
C SER A 77 11.78 15.31 -2.85
N GLU A 78 11.96 14.91 -4.11
CA GLU A 78 11.50 13.61 -4.57
C GLU A 78 12.39 12.47 -4.03
N GLN A 79 13.44 12.82 -3.29
CA GLN A 79 14.30 11.88 -2.56
C GLN A 79 13.92 11.77 -1.07
N THR A 80 13.08 12.67 -0.56
CA THR A 80 12.70 12.61 0.86
C THR A 80 11.98 11.27 1.10
N LEU A 81 12.30 10.61 2.22
CA LEU A 81 11.61 9.36 2.64
C LEU A 81 10.40 9.70 3.53
N PHE A 82 9.24 9.16 3.15
CA PHE A 82 8.02 9.24 3.94
C PHE A 82 7.58 7.82 4.32
N GLU A 83 6.86 7.70 5.45
CA GLU A 83 6.12 6.51 5.78
C GLU A 83 4.89 6.47 4.89
N ILE A 84 4.70 5.36 4.16
CA ILE A 84 3.57 5.29 3.24
C ILE A 84 2.44 4.43 3.83
N GLY A 85 2.61 3.95 5.05
CA GLY A 85 1.62 3.12 5.69
C GLY A 85 1.15 2.00 4.78
N SER A 86 -0.18 1.86 4.65
CA SER A 86 -0.80 0.74 3.98
C SER A 86 -0.52 0.67 2.47
N VAL A 87 0.08 1.70 1.87
CA VAL A 87 0.52 1.57 0.48
C VAL A 87 1.58 0.45 0.42
N SER A 88 2.25 0.19 1.57
CA SER A 88 3.14 -0.95 1.74
C SER A 88 2.49 -2.27 1.26
N LYS A 89 1.15 -2.36 1.39
CA LYS A 89 0.42 -3.56 1.09
C LYS A 89 0.53 -3.91 -0.40
N THR A 90 0.75 -2.89 -1.26
CA THR A 90 0.91 -3.13 -2.69
C THR A 90 2.26 -3.79 -2.96
N LEU A 91 3.26 -3.47 -2.13
CA LEU A 91 4.59 -4.03 -2.30
C LEU A 91 4.65 -5.43 -1.69
N THR A 92 4.03 -5.63 -0.53
CA THR A 92 3.89 -6.97 0.06
C THR A 92 3.16 -7.91 -0.91
N ALA A 93 2.11 -7.39 -1.56
CA ALA A 93 1.29 -8.15 -2.49
C ALA A 93 2.13 -8.59 -3.69
N THR A 94 3.00 -7.70 -4.15
CA THR A 94 3.89 -7.98 -5.24
C THR A 94 4.89 -9.08 -4.84
N LEU A 95 5.34 -9.08 -3.57
CA LEU A 95 6.21 -10.17 -3.11
C LEU A 95 5.45 -11.50 -3.14
N GLY A 96 4.22 -11.50 -2.62
CA GLY A 96 3.38 -12.69 -2.67
C GLY A 96 3.22 -13.18 -4.10
N ALA A 97 2.90 -12.28 -5.02
CA ALA A 97 2.72 -12.65 -6.43
C ALA A 97 4.03 -13.23 -6.98
N TYR A 98 5.16 -12.65 -6.57
CA TYR A 98 6.46 -13.15 -7.01
C TYR A 98 6.70 -14.58 -6.50
N ALA A 99 6.29 -14.87 -5.25
CA ALA A 99 6.43 -16.21 -4.73
C ALA A 99 5.58 -17.19 -5.58
N VAL A 100 4.41 -16.74 -6.06
CA VAL A 100 3.54 -17.57 -6.88
C VAL A 100 4.25 -17.86 -8.21
N VAL A 101 4.71 -16.79 -8.86
CA VAL A 101 5.35 -16.86 -10.15
C VAL A 101 6.54 -17.85 -10.06
N LYS A 102 7.31 -17.80 -8.96
CA LYS A 102 8.46 -18.68 -8.77
C LYS A 102 8.05 -20.11 -8.39
N GLY A 103 6.77 -20.36 -8.17
CA GLY A 103 6.30 -21.71 -7.86
C GLY A 103 6.52 -22.10 -6.41
N ALA A 104 6.81 -21.13 -5.53
CA ALA A 104 7.00 -21.42 -4.09
C ALA A 104 5.65 -21.55 -3.36
N MET A 105 4.58 -21.03 -3.95
CA MET A 105 3.25 -21.08 -3.37
C MET A 105 2.20 -20.79 -4.44
N GLN A 106 0.94 -21.03 -4.09
CA GLN A 106 -0.20 -20.71 -4.91
C GLN A 106 -1.26 -20.03 -4.03
N LEU A 107 -2.06 -19.16 -4.65
CA LEU A 107 -3.03 -18.39 -3.92
C LEU A 107 -4.07 -19.31 -3.26
N ASP A 108 -4.31 -20.49 -3.83
CA ASP A 108 -5.29 -21.41 -3.26
C ASP A 108 -4.62 -22.39 -2.28
N ASP A 109 -3.33 -22.26 -2.01
CA ASP A 109 -2.74 -22.97 -0.87
C ASP A 109 -3.49 -22.59 0.44
N LYS A 110 -3.73 -23.60 1.28
CA LYS A 110 -4.12 -23.35 2.66
C LYS A 110 -2.96 -22.64 3.37
N ALA A 111 -3.29 -21.66 4.21
CA ALA A 111 -2.31 -20.85 4.94
C ALA A 111 -1.33 -21.75 5.70
N SER A 112 -1.85 -22.83 6.31
CA SER A 112 -1.07 -23.75 7.14
C SER A 112 -0.04 -24.54 6.32
N ARG A 113 -0.20 -24.59 4.99
CA ARG A 113 0.79 -25.28 4.17
C ARG A 113 2.14 -24.56 4.29
N HIS A 114 2.11 -23.25 4.60
CA HIS A 114 3.31 -22.43 4.65
C HIS A 114 3.69 -22.03 6.07
N ALA A 115 2.97 -22.54 7.08
CA ALA A 115 3.26 -22.26 8.46
C ALA A 115 2.93 -23.48 9.30
N PRO A 116 3.93 -24.31 9.68
CA PRO A 116 3.67 -25.45 10.56
C PRO A 116 2.85 -25.08 11.80
N TRP A 117 3.08 -23.90 12.37
CA TRP A 117 2.44 -23.49 13.62
C TRP A 117 0.94 -23.14 13.43
N LEU A 118 0.46 -23.09 12.18
CA LEU A 118 -0.98 -22.95 11.92
C LEU A 118 -1.66 -24.32 11.69
N LYS A 119 -0.87 -25.39 11.55
CA LYS A 119 -1.48 -26.73 11.35
C LYS A 119 -2.38 -27.06 12.56
N GLY A 120 -3.61 -27.48 12.30
CA GLY A 120 -4.57 -27.76 13.35
C GLY A 120 -5.59 -26.65 13.57
N SER A 121 -5.36 -25.46 13.00
CA SER A 121 -6.21 -24.28 13.23
C SER A 121 -7.21 -24.16 12.10
N VAL A 122 -8.11 -23.16 12.16
CA VAL A 122 -8.97 -22.83 11.02
C VAL A 122 -8.14 -22.48 9.77
N PHE A 123 -6.84 -22.18 9.93
CA PHE A 123 -6.01 -21.78 8.78
C PHE A 123 -5.60 -22.99 7.94
N ASP A 124 -6.02 -24.19 8.36
CA ASP A 124 -6.09 -25.38 7.52
C ASP A 124 -7.11 -25.22 6.39
N SER A 125 -8.12 -24.35 6.56
CA SER A 125 -9.18 -24.21 5.59
C SER A 125 -9.42 -22.73 5.20
N ILE A 126 -8.37 -21.91 5.29
CA ILE A 126 -8.34 -20.55 4.74
C ILE A 126 -7.17 -20.50 3.76
N THR A 127 -7.34 -19.85 2.61
CA THR A 127 -6.30 -19.80 1.59
C THR A 127 -5.43 -18.54 1.73
N MET A 128 -4.27 -18.61 1.08
CA MET A 128 -3.33 -17.51 0.96
C MET A 128 -4.01 -16.33 0.27
N GLY A 129 -4.78 -16.58 -0.79
CA GLY A 129 -5.46 -15.48 -1.50
C GLY A 129 -6.43 -14.74 -0.59
N GLU A 130 -7.11 -15.52 0.26
CA GLU A 130 -8.09 -14.99 1.21
C GLU A 130 -7.39 -14.08 2.23
N LEU A 131 -6.24 -14.53 2.75
CA LEU A 131 -5.40 -13.64 3.62
C LEU A 131 -5.07 -12.36 2.86
N ALA A 132 -4.59 -12.51 1.62
CA ALA A 132 -4.10 -11.37 0.83
C ALA A 132 -5.20 -10.34 0.62
N THR A 133 -6.45 -10.81 0.47
CA THR A 133 -7.58 -9.96 0.05
C THR A 133 -8.52 -9.71 1.23
N TYR A 134 -8.04 -9.95 2.45
CA TYR A 134 -8.76 -9.61 3.68
C TYR A 134 -10.12 -10.33 3.76
N SER A 135 -10.22 -11.50 3.15
CA SER A 135 -11.50 -12.19 3.00
C SER A 135 -11.51 -13.53 3.75
N ALA A 136 -10.61 -13.69 4.73
CA ALA A 136 -10.47 -14.97 5.45
C ALA A 136 -11.64 -15.21 6.42
N GLY A 137 -12.32 -14.15 6.87
CA GLY A 137 -13.48 -14.35 7.71
C GLY A 137 -13.50 -13.47 8.93
N GLY A 138 -12.99 -12.23 8.82
CA GLY A 138 -13.20 -11.25 9.85
C GLY A 138 -12.01 -11.05 10.78
N LEU A 139 -10.79 -11.41 10.33
CA LEU A 139 -9.59 -10.89 10.97
C LEU A 139 -9.73 -9.38 11.05
N PRO A 140 -9.44 -8.78 12.24
CA PRO A 140 -9.69 -7.35 12.46
C PRO A 140 -8.66 -6.46 11.79
N LEU A 141 -8.93 -5.15 11.79
CA LEU A 141 -8.05 -4.16 11.18
C LEU A 141 -6.66 -4.22 11.82
N GLN A 142 -6.61 -4.32 13.16
CA GLN A 142 -5.35 -4.32 13.91
C GLN A 142 -5.34 -5.50 14.89
N PHE A 143 -4.14 -6.03 15.14
CA PHE A 143 -3.94 -6.94 16.25
C PHE A 143 -4.46 -6.29 17.52
N PRO A 144 -5.06 -7.03 18.47
CA PRO A 144 -5.29 -6.51 19.80
C PRO A 144 -3.93 -6.00 20.32
N GLU A 145 -3.98 -4.90 21.08
CA GLU A 145 -2.83 -4.18 21.63
C GLU A 145 -1.90 -5.13 22.40
N GLU A 146 -2.47 -6.16 23.01
CA GLU A 146 -1.74 -7.11 23.85
C GLU A 146 -0.84 -8.03 23.00
N VAL A 147 -1.08 -8.08 21.68
CA VAL A 147 -0.34 -9.00 20.80
C VAL A 147 0.93 -8.29 20.33
N ASP A 148 1.98 -8.36 21.15
CA ASP A 148 3.17 -7.53 20.95
C ASP A 148 4.42 -8.40 20.89
N SER A 149 4.25 -9.69 20.61
CA SER A 149 5.39 -10.58 20.46
C SER A 149 5.06 -11.71 19.47
N SER A 150 6.11 -12.35 18.97
CA SER A 150 6.02 -13.52 18.12
C SER A 150 5.11 -14.58 18.76
N GLU A 151 5.37 -14.90 20.04
CA GLU A 151 4.68 -15.98 20.74
C GLU A 151 3.19 -15.67 20.87
N LYS A 152 2.90 -14.43 21.28
CA LYS A 152 1.53 -13.96 21.46
C LYS A 152 0.81 -13.86 20.11
N MET A 153 1.54 -13.53 19.04
CA MET A 153 0.95 -13.45 17.70
C MET A 153 0.53 -14.85 17.23
N ARG A 154 1.41 -15.85 17.39
CA ARG A 154 1.10 -17.20 16.98
C ARG A 154 -0.12 -17.71 17.77
N ALA A 155 -0.13 -17.50 19.09
CA ALA A 155 -1.27 -17.87 19.93
C ALA A 155 -2.54 -17.12 19.47
N TYR A 156 -2.42 -15.82 19.17
CA TYR A 156 -3.58 -15.05 18.67
C TYR A 156 -4.23 -15.77 17.47
N TYR A 157 -3.45 -16.12 16.45
CA TYR A 157 -4.00 -16.72 15.22
C TYR A 157 -4.57 -18.11 15.53
N ARG A 158 -3.88 -18.87 16.39
CA ARG A 158 -4.31 -20.21 16.74
C ARG A 158 -5.64 -20.19 17.51
N GLN A 159 -5.96 -19.09 18.21
CA GLN A 159 -7.17 -19.02 19.03
C GLN A 159 -8.27 -18.18 18.34
N TRP A 160 -8.02 -17.69 17.12
CA TRP A 160 -8.95 -16.77 16.49
C TRP A 160 -10.17 -17.52 15.94
N ALA A 161 -11.35 -16.98 16.23
CA ALA A 161 -12.63 -17.57 15.80
C ALA A 161 -13.17 -16.80 14.60
N PRO A 162 -13.35 -17.46 13.44
CA PRO A 162 -13.96 -16.83 12.27
C PRO A 162 -15.34 -16.25 12.57
N VAL A 163 -15.57 -15.03 12.07
CA VAL A 163 -16.83 -14.34 12.19
C VAL A 163 -17.68 -14.65 10.95
N TYR A 164 -17.02 -14.84 9.79
CA TYR A 164 -17.70 -15.12 8.53
C TYR A 164 -17.00 -16.28 7.84
N SER A 165 -17.74 -16.92 6.93
CA SER A 165 -17.22 -17.98 6.12
C SER A 165 -16.12 -17.43 5.21
N PRO A 166 -15.03 -18.20 5.02
CA PRO A 166 -13.92 -17.77 4.15
C PRO A 166 -14.48 -17.36 2.78
N GLY A 167 -14.18 -16.12 2.38
CA GLY A 167 -14.41 -15.62 1.05
C GLY A 167 -15.66 -14.76 0.97
N SER A 168 -16.49 -14.75 2.01
CA SER A 168 -17.82 -14.14 1.91
C SER A 168 -17.79 -12.65 2.29
N HIS A 169 -16.83 -12.21 3.12
CA HIS A 169 -16.75 -10.80 3.55
C HIS A 169 -15.32 -10.24 3.43
N ARG A 170 -15.22 -8.98 2.97
CA ARG A 170 -14.01 -8.18 3.06
C ARG A 170 -14.01 -7.44 4.40
N GLN A 171 -13.04 -7.73 5.27
CA GLN A 171 -12.76 -6.95 6.49
C GLN A 171 -11.30 -6.50 6.34
N TYR A 172 -11.08 -5.23 6.01
CA TYR A 172 -9.73 -4.73 5.79
C TYR A 172 -8.90 -4.98 7.05
N SER A 173 -7.70 -5.58 6.89
CA SER A 173 -7.01 -6.23 8.04
C SER A 173 -5.49 -6.29 7.85
N ASN A 174 -4.78 -5.70 8.81
CA ASN A 174 -3.31 -5.82 8.90
C ASN A 174 -2.92 -7.26 9.25
N PRO A 175 -3.48 -7.89 10.29
CA PRO A 175 -3.17 -9.31 10.53
C PRO A 175 -3.38 -10.23 9.31
N SER A 176 -4.36 -9.89 8.44
CA SER A 176 -4.67 -10.76 7.30
C SER A 176 -3.56 -10.67 6.23
N ILE A 177 -3.34 -9.48 5.67
CA ILE A 177 -2.35 -9.37 4.61
C ILE A 177 -0.94 -9.48 5.21
N GLY A 178 -0.77 -9.07 6.47
CA GLY A 178 0.53 -9.24 7.14
C GLY A 178 0.96 -10.69 7.17
N LEU A 179 0.03 -11.57 7.54
CA LEU A 179 0.30 -13.01 7.53
C LEU A 179 0.61 -13.48 6.11
N PHE A 180 -0.16 -13.02 5.11
CA PHE A 180 0.10 -13.36 3.73
C PHE A 180 1.56 -13.06 3.35
N GLY A 181 2.01 -11.83 3.64
CA GLY A 181 3.36 -11.41 3.33
C GLY A 181 4.40 -12.27 4.05
N HIS A 182 4.16 -12.49 5.34
CA HIS A 182 5.04 -13.26 6.20
C HIS A 182 5.22 -14.70 5.68
N LEU A 183 4.13 -15.35 5.25
CA LEU A 183 4.15 -16.74 4.75
C LEU A 183 4.71 -16.83 3.33
N ALA A 184 4.46 -15.81 2.49
CA ALA A 184 5.07 -15.76 1.15
C ALA A 184 6.60 -15.72 1.27
N ALA A 185 7.10 -14.88 2.19
CA ALA A 185 8.53 -14.81 2.44
C ALA A 185 9.04 -16.20 2.89
N SER A 186 8.33 -16.79 3.84
CA SER A 186 8.67 -18.11 4.37
C SER A 186 8.71 -19.14 3.24
N SER A 187 7.75 -19.04 2.31
CA SER A 187 7.71 -19.91 1.14
C SER A 187 8.97 -19.76 0.29
N LEU A 188 9.61 -18.58 0.33
CA LEU A 188 10.82 -18.33 -0.47
C LEU A 188 12.10 -18.55 0.37
N LYS A 189 11.93 -18.98 1.63
CA LYS A 189 13.04 -19.41 2.52
C LYS A 189 13.96 -18.23 2.87
N GLN A 190 13.39 -17.02 2.98
CA GLN A 190 14.19 -15.85 3.34
C GLN A 190 13.36 -14.93 4.22
N PRO A 191 14.01 -14.16 5.12
CA PRO A 191 13.27 -13.17 5.89
C PRO A 191 12.63 -12.12 4.95
N PHE A 192 11.44 -11.66 5.32
CA PHE A 192 10.69 -10.66 4.55
C PHE A 192 11.52 -9.39 4.29
N ALA A 193 12.12 -8.80 5.32
CA ALA A 193 12.85 -7.52 5.15
C ALA A 193 13.98 -7.68 4.11
N GLN A 194 14.70 -8.80 4.19
CA GLN A 194 15.80 -9.13 3.30
C GLN A 194 15.30 -9.30 1.86
N LEU A 195 14.21 -10.07 1.67
CA LEU A 195 13.66 -10.31 0.33
C LEU A 195 13.30 -9.00 -0.34
N MET A 196 12.68 -8.11 0.45
CA MET A 196 12.19 -6.84 -0.04
C MET A 196 13.39 -5.96 -0.42
N GLU A 197 14.30 -5.77 0.52
CA GLU A 197 15.38 -4.78 0.35
C GLU A 197 16.45 -5.31 -0.59
N GLN A 198 16.67 -6.64 -0.66
CA GLN A 198 17.82 -7.19 -1.45
C GLN A 198 17.38 -7.68 -2.84
N THR A 199 16.11 -8.07 -2.98
CA THR A 199 15.65 -8.71 -4.20
C THR A 199 14.50 -7.94 -4.87
N LEU A 200 13.37 -7.78 -4.19
CA LEU A 200 12.17 -7.30 -4.88
C LEU A 200 12.29 -5.81 -5.23
N LEU A 201 12.57 -4.98 -4.21
CA LEU A 201 12.56 -3.53 -4.41
C LEU A 201 13.65 -3.12 -5.40
N PRO A 202 14.93 -3.55 -5.27
CA PRO A 202 15.90 -3.24 -6.33
C PRO A 202 15.49 -3.78 -7.70
N GLY A 203 14.82 -4.94 -7.75
CA GLY A 203 14.25 -5.48 -8.98
C GLY A 203 13.24 -4.56 -9.64
N LEU A 204 12.46 -3.81 -8.83
CA LEU A 204 11.44 -2.89 -9.32
C LEU A 204 12.02 -1.51 -9.66
N GLY A 205 13.33 -1.33 -9.50
CA GLY A 205 13.98 -0.03 -9.67
C GLY A 205 13.86 0.86 -8.44
N MET A 206 13.64 0.27 -7.26
CA MET A 206 13.41 1.04 -6.03
C MET A 206 14.53 0.81 -5.00
N HIS A 207 15.57 1.65 -5.11
CA HIS A 207 16.82 1.45 -4.35
C HIS A 207 16.82 2.26 -3.06
N HIS A 208 15.83 3.14 -2.90
CA HIS A 208 15.70 3.98 -1.70
C HIS A 208 14.35 3.70 -1.01
N THR A 209 14.01 2.42 -0.93
CA THR A 209 12.77 1.96 -0.35
C THR A 209 13.15 0.94 0.71
N TYR A 210 12.71 1.18 1.95
CA TYR A 210 13.21 0.46 3.07
C TYR A 210 12.08 0.08 4.02
N VAL A 211 12.31 -1.06 4.65
CA VAL A 211 11.58 -1.45 5.83
C VAL A 211 12.38 -0.97 7.04
N ASN A 212 13.72 -1.06 6.99
CA ASN A 212 14.62 -0.52 8.01
C ASN A 212 15.49 0.55 7.34
N VAL A 213 15.26 1.82 7.65
CA VAL A 213 16.00 2.89 7.02
C VAL A 213 17.47 2.79 7.50
N PRO A 214 18.45 2.60 6.60
CA PRO A 214 19.84 2.51 7.04
C PRO A 214 20.41 3.89 7.46
N LYS A 215 21.53 3.83 8.19
CA LYS A 215 22.16 5.00 8.73
C LYS A 215 22.31 6.09 7.65
N GLN A 216 22.81 5.72 6.47
CA GLN A 216 23.19 6.69 5.43
C GLN A 216 21.97 7.39 4.80
N ALA A 217 20.76 6.90 5.06
CA ALA A 217 19.56 7.45 4.47
C ALA A 217 18.76 8.22 5.52
N MET A 218 19.21 8.21 6.77
CA MET A 218 18.41 8.77 7.84
C MET A 218 18.21 10.27 7.62
N ALA A 219 19.20 10.95 7.02
CA ALA A 219 19.12 12.37 6.79
C ALA A 219 18.03 12.71 5.77
N SER A 220 17.54 11.74 4.99
CA SER A 220 16.52 12.00 4.00
C SER A 220 15.13 11.60 4.54
N TYR A 221 15.09 11.11 5.78
CA TYR A 221 13.90 10.55 6.42
C TYR A 221 13.10 11.68 7.08
N ALA A 222 11.92 11.96 6.54
CA ALA A 222 10.99 12.95 7.14
C ALA A 222 10.54 12.48 8.52
N TYR A 223 10.14 13.46 9.36
CA TYR A 223 9.30 13.20 10.52
C TYR A 223 7.82 13.38 10.12
N GLY A 224 6.96 12.53 10.70
CA GLY A 224 5.52 12.70 10.65
C GLY A 224 5.08 13.73 11.68
N TYR A 225 3.90 14.34 11.49
CA TYR A 225 3.38 15.36 12.45
C TYR A 225 1.97 15.00 12.88
N SER A 226 1.79 14.76 14.16
CA SER A 226 0.52 14.37 14.72
C SER A 226 -0.43 15.57 14.67
N LYS A 227 -1.68 15.39 15.10
CA LYS A 227 -2.62 16.52 15.15
C LYS A 227 -2.18 17.59 16.16
N GLU A 228 -1.35 17.24 17.15
CA GLU A 228 -0.82 18.24 18.10
C GLU A 228 0.56 18.74 17.65
N ASP A 229 0.86 18.55 16.35
CA ASP A 229 2.13 18.94 15.75
C ASP A 229 3.36 18.37 16.47
N LYS A 230 3.26 17.16 17.04
CA LYS A 230 4.42 16.51 17.61
C LYS A 230 5.07 15.67 16.51
N PRO A 231 6.43 15.66 16.42
CA PRO A 231 7.14 14.85 15.43
C PRO A 231 7.06 13.39 15.86
N ILE A 232 6.75 12.50 14.92
CA ILE A 232 6.54 11.11 15.25
C ILE A 232 7.00 10.25 14.07
N ARG A 233 7.37 9.01 14.37
CA ARG A 233 7.65 7.98 13.38
C ARG A 233 7.01 6.66 13.85
N VAL A 234 6.85 5.71 12.92
CA VAL A 234 6.21 4.39 13.18
C VAL A 234 7.01 3.64 14.26
N ASN A 235 6.31 2.88 15.10
CA ASN A 235 6.95 1.92 16.02
C ASN A 235 6.86 0.53 15.41
N PRO A 236 7.81 -0.39 15.69
CA PRO A 236 7.66 -1.75 15.21
C PRO A 236 6.46 -2.34 15.98
N GLY A 237 5.48 -2.87 15.26
CA GLY A 237 4.43 -3.75 15.79
C GLY A 237 4.50 -5.07 15.08
N MET A 238 3.68 -6.06 15.47
CA MET A 238 3.78 -7.38 14.85
C MET A 238 3.32 -7.27 13.40
N LEU A 239 4.15 -7.80 12.51
CA LEU A 239 3.96 -7.79 11.06
C LEU A 239 3.80 -6.37 10.51
N ALA A 240 4.42 -5.38 11.17
CA ALA A 240 4.45 -3.99 10.69
C ALA A 240 5.07 -3.93 9.30
N ASP A 241 6.19 -4.62 9.14
CA ASP A 241 6.96 -4.58 7.90
C ASP A 241 6.09 -4.91 6.71
N GLU A 242 5.34 -6.00 6.86
CA GLU A 242 4.50 -6.59 5.83
C GLU A 242 3.25 -5.73 5.62
N ALA A 243 2.67 -5.18 6.69
CA ALA A 243 1.34 -4.56 6.59
C ALA A 243 1.43 -3.05 6.39
N TYR A 244 2.45 -2.37 6.95
CA TYR A 244 2.43 -0.89 6.85
C TYR A 244 3.80 -0.23 7.04
N GLY A 245 4.91 -0.94 6.85
CA GLY A 245 6.21 -0.47 7.36
C GLY A 245 7.13 0.21 6.33
N ILE A 246 6.71 0.37 5.06
CA ILE A 246 7.64 0.89 4.03
C ILE A 246 7.89 2.39 4.21
N LYS A 247 9.17 2.77 4.10
CA LYS A 247 9.57 4.17 3.92
C LYS A 247 10.12 4.31 2.49
N THR A 248 9.65 5.30 1.75
CA THR A 248 10.06 5.46 0.36
C THR A 248 9.88 6.93 -0.03
N SER A 249 10.47 7.26 -1.16
CA SER A 249 10.39 8.56 -1.76
C SER A 249 9.34 8.58 -2.87
N SER A 250 8.94 9.80 -3.25
CA SER A 250 8.06 9.99 -4.41
C SER A 250 8.70 9.42 -5.68
N ALA A 251 10.02 9.61 -5.83
CA ALA A 251 10.71 9.11 -7.03
C ALA A 251 10.62 7.58 -7.07
N ASP A 252 10.86 6.92 -5.93
CA ASP A 252 10.86 5.45 -5.93
C ASP A 252 9.44 4.93 -6.18
N LEU A 253 8.45 5.58 -5.56
CA LEU A 253 7.07 5.10 -5.67
C LEU A 253 6.55 5.33 -7.10
N LEU A 254 6.98 6.42 -7.75
CA LEU A 254 6.59 6.62 -9.15
C LEU A 254 7.28 5.58 -10.06
N ALA A 255 8.49 5.13 -9.71
CA ALA A 255 9.12 4.07 -10.49
C ALA A 255 8.30 2.77 -10.34
N PHE A 256 7.74 2.52 -9.16
CA PHE A 256 6.83 1.40 -8.96
C PHE A 256 5.59 1.56 -9.86
N VAL A 257 5.07 2.79 -9.94
CA VAL A 257 3.92 3.08 -10.80
C VAL A 257 4.30 2.78 -12.26
N LYS A 258 5.46 3.32 -12.67
CA LYS A 258 6.02 3.04 -14.01
C LYS A 258 6.09 1.52 -14.26
N ALA A 259 6.59 0.78 -13.29
CA ALA A 259 6.69 -0.67 -13.42
C ALA A 259 5.29 -1.29 -13.57
N ASN A 260 4.29 -0.71 -12.91
CA ASN A 260 2.91 -1.20 -13.01
C ASN A 260 2.23 -0.81 -14.36
N ILE A 261 2.85 0.09 -15.15
CA ILE A 261 2.33 0.51 -16.46
C ILE A 261 3.24 -0.05 -17.58
N GLY A 262 4.50 0.40 -17.62
CA GLY A 262 5.45 0.06 -18.68
C GLY A 262 6.16 -1.27 -18.44
N GLY A 263 6.12 -1.76 -17.19
CA GLY A 263 6.70 -3.07 -16.85
C GLY A 263 8.13 -2.96 -16.35
N VAL A 264 8.78 -4.11 -16.15
CA VAL A 264 10.16 -4.17 -15.68
C VAL A 264 10.94 -5.12 -16.59
N ASP A 265 12.26 -5.14 -16.41
CA ASP A 265 13.16 -5.96 -17.21
C ASP A 265 12.99 -7.46 -16.85
N ASP A 266 12.98 -7.79 -15.55
CA ASP A 266 12.91 -9.18 -15.09
C ASP A 266 11.50 -9.74 -15.38
N LYS A 267 11.47 -10.93 -15.99
CA LYS A 267 10.23 -11.48 -16.48
C LYS A 267 9.36 -12.00 -15.33
N ALA A 268 9.98 -12.65 -14.34
CA ALA A 268 9.23 -13.15 -13.18
C ALA A 268 8.54 -11.98 -12.44
N LEU A 269 9.25 -10.87 -12.29
CA LEU A 269 8.74 -9.66 -11.65
C LEU A 269 7.55 -9.09 -12.43
N GLN A 270 7.70 -9.04 -13.75
CA GLN A 270 6.70 -8.55 -14.68
C GLN A 270 5.40 -9.32 -14.47
N GLN A 271 5.50 -10.64 -14.50
CA GLN A 271 4.38 -11.54 -14.32
C GLN A 271 3.81 -11.36 -12.91
N ALA A 272 4.68 -11.10 -11.93
CA ALA A 272 4.23 -10.83 -10.56
C ALA A 272 3.32 -9.59 -10.55
N ILE A 273 3.83 -8.49 -11.10
CA ILE A 273 3.09 -7.24 -11.17
C ILE A 273 1.71 -7.49 -11.80
N SER A 274 1.67 -8.23 -12.93
CA SER A 274 0.39 -8.51 -13.64
C SER A 274 -0.62 -9.20 -12.71
N LEU A 275 -0.14 -10.16 -11.93
CA LEU A 275 -1.00 -10.89 -11.01
C LEU A 275 -1.66 -9.90 -10.02
N THR A 276 -0.95 -8.83 -9.63
CA THR A 276 -1.50 -7.88 -8.66
C THR A 276 -2.63 -7.06 -9.29
N HIS A 277 -2.79 -7.11 -10.62
CA HIS A 277 -3.82 -6.31 -11.33
C HIS A 277 -5.19 -7.02 -11.40
N LYS A 278 -5.23 -8.33 -11.24
CA LYS A 278 -6.43 -9.13 -11.49
C LYS A 278 -7.45 -8.97 -10.34
N GLY A 279 -8.72 -8.87 -10.71
CA GLY A 279 -9.81 -8.73 -9.77
C GLY A 279 -10.16 -10.06 -9.13
N HIS A 280 -10.31 -10.06 -7.79
CA HIS A 280 -10.75 -11.22 -7.06
C HIS A 280 -12.25 -11.13 -6.74
N TYR A 281 -12.71 -9.96 -6.31
CA TYR A 281 -14.09 -9.72 -5.98
C TYR A 281 -14.28 -8.21 -5.96
N SER A 282 -15.53 -7.76 -5.74
CA SER A 282 -15.90 -6.35 -5.76
C SER A 282 -16.65 -6.01 -4.47
N VAL A 283 -16.46 -4.78 -3.99
CA VAL A 283 -17.31 -4.15 -3.00
C VAL A 283 -17.79 -2.81 -3.60
N GLY A 284 -19.11 -2.69 -3.84
CA GLY A 284 -19.63 -1.62 -4.71
C GLY A 284 -18.83 -1.57 -6.01
N GLY A 285 -18.34 -0.39 -6.38
CA GLY A 285 -17.63 -0.18 -7.66
C GLY A 285 -16.11 -0.31 -7.53
N MET A 286 -15.62 -0.81 -6.37
CA MET A 286 -14.22 -1.10 -6.13
C MET A 286 -13.98 -2.59 -6.36
N THR A 287 -12.87 -2.93 -7.03
CA THR A 287 -12.52 -4.33 -7.23
C THR A 287 -11.22 -4.60 -6.48
N GLN A 288 -11.24 -5.67 -5.67
CA GLN A 288 -10.09 -6.03 -4.83
C GLN A 288 -9.16 -6.97 -5.59
N GLY A 289 -7.89 -6.58 -5.70
CA GLY A 289 -6.82 -7.44 -6.15
C GLY A 289 -5.85 -7.75 -5.03
N LEU A 290 -4.66 -8.24 -5.38
CA LEU A 290 -3.56 -8.34 -4.45
C LEU A 290 -2.99 -6.93 -4.26
N GLY A 291 -3.28 -6.29 -3.11
CA GLY A 291 -2.76 -4.98 -2.76
C GLY A 291 -3.56 -3.83 -3.38
N TRP A 292 -3.50 -3.74 -4.70
CA TRP A 292 -4.18 -2.71 -5.44
C TRP A 292 -5.69 -2.95 -5.37
N GLU A 293 -6.40 -1.81 -5.32
CA GLU A 293 -7.83 -1.71 -5.43
C GLU A 293 -8.13 -0.93 -6.71
N SER A 294 -9.08 -1.42 -7.52
CA SER A 294 -9.26 -0.96 -8.89
C SER A 294 -10.72 -0.58 -9.19
N TYR A 295 -10.85 0.28 -10.20
CA TYR A 295 -12.09 0.91 -10.65
C TYR A 295 -12.08 1.00 -12.18
N ALA A 296 -13.24 0.83 -12.81
CA ALA A 296 -13.43 1.24 -14.21
C ALA A 296 -13.06 2.73 -14.34
N TYR A 297 -12.23 3.07 -15.34
CA TYR A 297 -11.83 4.47 -15.64
C TYR A 297 -12.40 4.88 -17.00
N PRO A 298 -12.84 6.13 -17.18
CA PRO A 298 -12.96 7.21 -16.18
C PRO A 298 -13.81 6.83 -14.96
N VAL A 299 -13.41 7.32 -13.78
CA VAL A 299 -14.07 6.97 -12.52
C VAL A 299 -14.63 8.24 -11.91
N THR A 300 -15.88 8.22 -11.43
CA THR A 300 -16.43 9.42 -10.81
C THR A 300 -15.76 9.64 -9.45
N GLU A 301 -15.75 10.91 -9.01
CA GLU A 301 -15.26 11.25 -7.72
C GLU A 301 -16.04 10.47 -6.66
N GLN A 302 -17.36 10.38 -6.86
CA GLN A 302 -18.27 9.69 -5.94
C GLN A 302 -17.88 8.21 -5.78
N THR A 303 -17.70 7.51 -6.91
CA THR A 303 -17.30 6.11 -6.89
C THR A 303 -15.94 5.98 -6.17
N LEU A 304 -14.97 6.84 -6.47
CA LEU A 304 -13.64 6.73 -5.88
C LEU A 304 -13.68 6.95 -4.36
N LEU A 305 -14.48 7.92 -3.91
CA LEU A 305 -14.68 8.21 -2.48
C LEU A 305 -15.36 7.04 -1.75
N ALA A 306 -16.36 6.42 -2.40
CA ALA A 306 -17.14 5.35 -1.77
C ALA A 306 -16.24 4.13 -1.51
N GLY A 307 -15.42 3.76 -2.49
CA GLY A 307 -14.54 2.62 -2.35
C GLY A 307 -13.37 2.88 -1.40
N ASN A 308 -13.10 4.16 -1.12
CA ASN A 308 -12.13 4.58 -0.11
C ASN A 308 -12.83 5.12 1.14
N SER A 309 -14.10 4.75 1.33
CA SER A 309 -14.89 5.32 2.41
C SER A 309 -14.54 4.62 3.74
N ALA A 310 -14.96 5.24 4.85
CA ALA A 310 -14.82 4.68 6.19
C ALA A 310 -15.57 3.34 6.26
N LYS A 311 -16.72 3.26 5.60
CA LYS A 311 -17.50 2.07 5.53
C LYS A 311 -16.68 0.90 4.97
N VAL A 312 -16.02 1.12 3.83
CA VAL A 312 -15.25 0.06 3.19
C VAL A 312 -13.99 -0.26 4.00
N ILE A 313 -13.34 0.78 4.55
CA ILE A 313 -12.10 0.61 5.33
C ILE A 313 -12.37 -0.11 6.65
N LEU A 314 -13.44 0.29 7.36
CA LEU A 314 -13.61 -0.06 8.78
C LEU A 314 -14.58 -1.23 8.98
N GLU A 315 -15.53 -1.47 8.08
CA GLU A 315 -16.57 -2.48 8.35
C GLU A 315 -16.36 -3.70 7.47
N ALA A 316 -16.97 -4.82 7.88
CA ALA A 316 -17.08 -6.00 7.02
C ALA A 316 -18.10 -5.70 5.92
N ASN A 317 -17.73 -5.99 4.68
CA ASN A 317 -18.62 -5.81 3.57
C ASN A 317 -18.65 -7.12 2.80
N PRO A 318 -19.83 -7.55 2.32
CA PRO A 318 -19.93 -8.81 1.60
C PRO A 318 -19.17 -8.69 0.28
N THR A 319 -18.55 -9.78 -0.17
CA THR A 319 -17.90 -9.81 -1.45
C THR A 319 -18.95 -10.07 -2.55
N ALA A 320 -18.70 -9.52 -3.73
CA ALA A 320 -19.53 -9.78 -4.93
C ALA A 320 -18.58 -10.09 -6.10
N ALA A 321 -19.11 -10.69 -7.17
CA ALA A 321 -18.29 -11.05 -8.33
C ALA A 321 -17.53 -9.82 -8.83
N PRO A 322 -16.27 -9.98 -9.32
CA PRO A 322 -15.47 -8.82 -9.70
C PRO A 322 -15.91 -8.15 -11.02
N ARG A 323 -15.42 -6.92 -11.23
CA ARG A 323 -15.78 -6.00 -12.34
C ARG A 323 -16.34 -6.77 -13.55
N GLN A 328 -10.94 0.13 -19.47
CA GLN A 328 -9.87 0.93 -18.86
C GLN A 328 -10.00 0.90 -17.33
N VAL A 329 -8.86 0.84 -16.63
CA VAL A 329 -8.85 0.55 -15.21
C VAL A 329 -7.91 1.51 -14.46
N LEU A 330 -8.41 2.06 -13.36
CA LEU A 330 -7.62 2.84 -12.43
C LEU A 330 -7.32 1.97 -11.22
N PHE A 331 -6.06 1.99 -10.80
CA PHE A 331 -5.59 1.28 -9.64
C PHE A 331 -5.20 2.30 -8.59
N ASN A 332 -5.50 2.04 -7.31
CA ASN A 332 -5.09 2.95 -6.25
C ASN A 332 -4.83 2.20 -4.94
N LYS A 333 -4.20 2.93 -4.01
CA LYS A 333 -4.07 2.50 -2.66
C LYS A 333 -3.78 3.73 -1.79
N THR A 334 -4.52 3.82 -0.67
CA THR A 334 -4.27 4.80 0.38
C THR A 334 -3.34 4.21 1.44
N GLY A 335 -2.63 5.10 2.14
CA GLY A 335 -1.81 4.68 3.25
C GLY A 335 -1.66 5.78 4.26
N SER A 336 -1.73 5.42 5.54
CA SER A 336 -1.56 6.36 6.65
C SER A 336 -0.71 5.71 7.75
N SER A 337 0.05 6.54 8.45
CA SER A 337 0.61 6.19 9.74
C SER A 337 0.35 7.38 10.64
N ASN A 338 0.74 7.27 11.92
CA ASN A 338 0.76 8.42 12.77
C ASN A 338 1.65 9.47 12.09
N GLY A 339 1.06 10.62 11.76
CA GLY A 339 1.85 11.74 11.23
C GLY A 339 2.07 11.69 9.73
N PHE A 340 1.58 10.64 9.03
CA PHE A 340 1.82 10.52 7.60
C PHE A 340 0.53 10.12 6.86
N GLY A 341 0.41 10.64 5.63
CA GLY A 341 -0.69 10.42 4.72
C GLY A 341 -0.20 10.26 3.30
N ALA A 342 -0.45 9.10 2.71
CA ALA A 342 0.00 8.79 1.36
C ALA A 342 -1.15 8.35 0.46
N TYR A 343 -0.98 8.56 -0.85
CA TYR A 343 -1.92 8.10 -1.84
C TYR A 343 -1.21 7.89 -3.18
N VAL A 344 -1.58 6.81 -3.87
CA VAL A 344 -1.10 6.49 -5.22
C VAL A 344 -2.29 6.07 -6.07
N ALA A 345 -2.36 6.59 -7.28
CA ALA A 345 -3.32 6.09 -8.24
C ALA A 345 -2.70 6.13 -9.63
N PHE A 346 -3.06 5.17 -10.48
CA PHE A 346 -2.57 5.20 -11.84
C PHE A 346 -3.56 4.49 -12.78
N VAL A 347 -3.41 4.82 -14.06
CA VAL A 347 -4.26 4.32 -15.15
C VAL A 347 -3.35 3.83 -16.28
N PRO A 348 -2.98 2.54 -16.27
CA PRO A 348 -2.09 1.94 -17.28
C PRO A 348 -2.50 2.25 -18.73
N ALA A 349 -3.80 2.19 -19.05
CA ALA A 349 -4.24 2.36 -20.44
C ALA A 349 -3.94 3.77 -20.95
N ARG A 350 -3.85 4.75 -20.03
CA ARG A 350 -3.57 6.13 -20.42
C ARG A 350 -2.15 6.57 -20.04
N GLY A 351 -1.36 5.69 -19.42
CA GLY A 351 0.02 6.01 -19.08
C GLY A 351 0.12 7.15 -18.07
N ILE A 352 -0.88 7.29 -17.19
CA ILE A 352 -0.88 8.38 -16.20
C ILE A 352 -0.87 7.80 -14.78
N GLY A 353 -0.27 8.55 -13.86
CA GLY A 353 -0.17 8.13 -12.49
C GLY A 353 0.23 9.27 -11.59
N ILE A 354 -0.12 9.14 -10.32
CA ILE A 354 0.22 10.16 -9.36
C ILE A 354 0.60 9.49 -8.03
N VAL A 355 1.60 10.09 -7.38
CA VAL A 355 2.01 9.78 -6.04
C VAL A 355 1.91 11.06 -5.20
N MET A 356 1.34 10.92 -4.00
CA MET A 356 1.20 12.04 -3.06
C MET A 356 1.63 11.57 -1.67
N LEU A 357 2.78 12.05 -1.18
CA LEU A 357 3.28 11.65 0.13
C LEU A 357 3.39 12.90 1.01
N ALA A 358 2.72 12.87 2.16
CA ALA A 358 2.76 13.99 3.10
C ALA A 358 3.13 13.50 4.50
N ASN A 359 3.65 14.44 5.30
CA ASN A 359 3.98 14.17 6.67
C ASN A 359 2.91 14.80 7.57
N ARG A 360 1.65 14.65 7.15
CA ARG A 360 0.48 14.85 7.96
C ARG A 360 -0.54 13.77 7.55
N ASN A 361 -1.19 13.15 8.54
CA ASN A 361 -2.24 12.19 8.23
C ASN A 361 -3.53 12.97 7.97
N TYR A 362 -3.67 13.49 6.75
CA TYR A 362 -4.83 14.34 6.43
C TYR A 362 -5.91 13.48 5.80
N PRO A 363 -7.20 13.87 5.82
CA PRO A 363 -8.27 12.92 5.50
C PRO A 363 -8.20 12.35 4.07
N ILE A 364 -8.51 11.06 3.97
CA ILE A 364 -8.49 10.31 2.75
C ILE A 364 -9.38 10.96 1.70
N PRO A 365 -10.62 11.46 1.99
CA PRO A 365 -11.40 12.12 0.96
C PRO A 365 -10.65 13.26 0.27
N ALA A 366 -9.80 13.99 1.00
CA ALA A 366 -9.09 15.11 0.41
C ALA A 366 -8.02 14.58 -0.57
N ARG A 367 -7.43 13.43 -0.23
CA ARG A 367 -6.40 12.81 -1.10
C ARG A 367 -7.05 12.41 -2.43
N VAL A 368 -8.19 11.73 -2.31
CA VAL A 368 -8.96 11.17 -3.43
C VAL A 368 -9.40 12.29 -4.39
N LYS A 369 -9.98 13.37 -3.87
CA LYS A 369 -10.49 14.48 -4.72
C LYS A 369 -9.33 15.13 -5.46
N ALA A 370 -8.22 15.41 -4.78
CA ALA A 370 -7.09 16.08 -5.43
C ALA A 370 -6.49 15.19 -6.53
N ALA A 371 -6.28 13.90 -6.23
CA ALA A 371 -5.76 12.93 -7.21
C ALA A 371 -6.70 12.85 -8.41
N HIS A 372 -8.00 12.77 -8.13
CA HIS A 372 -9.00 12.63 -9.18
C HIS A 372 -8.97 13.83 -10.12
N ALA A 373 -8.90 15.04 -9.57
CA ALA A 373 -8.86 16.24 -10.42
C ALA A 373 -7.53 16.33 -11.21
N ILE A 374 -6.39 16.02 -10.56
CA ILE A 374 -5.13 16.08 -11.27
C ILE A 374 -5.12 15.05 -12.41
N LEU A 375 -5.54 13.80 -12.14
CA LEU A 375 -5.51 12.76 -13.19
C LEU A 375 -6.45 13.12 -14.37
N ALA A 376 -7.61 13.73 -14.09
CA ALA A 376 -8.55 14.15 -15.14
C ALA A 376 -7.90 15.19 -16.08
N GLN A 377 -7.12 16.12 -15.51
CA GLN A 377 -6.32 17.10 -16.29
C GLN A 377 -5.25 16.41 -17.16
N LEU A 378 -4.55 15.40 -16.63
CA LEU A 378 -3.53 14.65 -17.40
C LEU A 378 -4.17 13.84 -18.53
N ALA A 379 -5.35 13.28 -18.28
CA ALA A 379 -6.03 12.40 -19.23
C ALA A 379 -6.59 13.21 -20.42
N GLY A 380 -6.99 14.47 -20.22
CA GLY A 380 -7.46 15.33 -21.31
C GLY A 380 -8.74 14.81 -21.96
#